data_1NAM
#
_entry.id   1NAM
#
_cell.length_a   101.860
_cell.length_b   101.860
_cell.length_c   201.360
_cell.angle_alpha   90.00
_cell.angle_beta   90.00
_cell.angle_gamma   90.00
#
_symmetry.space_group_name_H-M   'P 43 21 2'
#
loop_
_entity.id
_entity.type
_entity.pdbx_description
1 polymer 'BM3.3 T Cell Receptor alpha-Chain'
2 polymer 'BM3.3 T Cell Receptor beta-Chain'
3 polymer 'H-2 class I histocompatibility antigen, K-B alpha chain precursor'
4 polymer Nucleocapsid
5 polymer Beta-2-microglobulin
6 branched 2-acetamido-2-deoxy-beta-D-glucopyranose-(1-4)-2-acetamido-2-deoxy-beta-D-glucopyranose
7 water water
#
loop_
_entity_poly.entity_id
_entity_poly.type
_entity_poly.pdbx_seq_one_letter_code
_entity_poly.pdbx_strand_id
1 'polypeptide(L)'
;QKVTQTQTSISVMEKTTVTMDCVYETQDSSYFLFWYKQTASGEIVFLIRQDSYKKENATVGHYSLNFQKPKSSIGLIITA
TQIEDSAVYFCAMRGDYGGSGNKLIFGTGTLLSVKP
;
A
2 'polypeptide(L)'
;VTLLEQNPRWRLVPRGQAVNLRCILKNSQYPWMSWYQQDLQKQLQWLFTLRSPGDKEVKSLPGADYLATRVTDTELRLQV
ANMSQGRTLYCTCSADRVGNTLYFGEGSRLIVV
;
B
3 'polypeptide(L)'
;GPHSLRYFVTAVSRPGLGEPRYMEVGYVDDTEFVRFDSDAENPRYEPRARWMEQEGPEYWERETQKAKGNEQSFRVDLRT
LLGYYNQSKGGSHTIQVISGCEVGSDGRLLRGYQQYAYDGCDYIALNEDLKTWTAADMAALITKHKWEQAGEAERLRAYL
EGTCVEWLRRYLKNGNATLLRTDSPKAHVTHHSRPEDKVTLRCWALGFYPADITLTWQLNGEELIQDMELVETRPAGDGT
FQKWASVVVPLGKEQYYTCHVYHQGLPEPLTLRWE
;
H
4 'polypeptide(L)' RGYVYQGL P
5 'polypeptide(L)'
;MIQKTPQIQVYSRHPPENGKPNILNCYVTQFHPPHIEIQMLKNGKKIPKVEMSDMSFSKDWSFYILAHTEFTPTETDTYA
CRVKHDSMAEPKTVYWDRDM
;
L
#
# COMPACT_ATOMS: atom_id res chain seq x y z
N GLN A 1 -20.89 16.95 -14.53
CA GLN A 1 -19.40 16.84 -14.67
C GLN A 1 -18.65 16.97 -13.32
N LYS A 2 -17.40 16.50 -13.24
CA LYS A 2 -16.64 16.44 -11.96
C LYS A 2 -16.50 17.78 -11.24
N VAL A 3 -16.03 18.83 -11.91
CA VAL A 3 -16.11 20.18 -11.34
C VAL A 3 -16.90 21.16 -12.22
N THR A 4 -17.93 21.80 -11.68
CA THR A 4 -18.81 22.62 -12.51
C THR A 4 -18.93 24.05 -12.05
N GLN A 5 -18.56 24.98 -12.92
CA GLN A 5 -18.86 26.38 -12.68
C GLN A 5 -19.97 26.91 -13.60
N THR A 6 -21.17 26.89 -13.07
CA THR A 6 -22.37 27.33 -13.76
C THR A 6 -22.35 28.75 -14.35
N GLN A 7 -21.66 29.70 -13.73
CA GLN A 7 -21.71 31.06 -14.23
C GLN A 7 -20.57 31.39 -15.16
N THR A 8 -20.91 32.01 -16.28
CA THR A 8 -19.87 32.45 -17.21
C THR A 8 -19.18 33.72 -16.76
N SER A 9 -19.96 34.74 -16.42
CA SER A 9 -19.38 36.00 -15.96
C SER A 9 -20.19 36.69 -14.88
N ILE A 10 -19.53 37.57 -14.14
CA ILE A 10 -20.17 38.38 -13.12
C ILE A 10 -19.67 39.77 -13.37
N SER A 11 -20.58 40.72 -13.31
CA SER A 11 -20.24 42.12 -13.34
C SER A 11 -20.70 42.78 -12.04
N VAL A 12 -19.79 43.44 -11.34
CA VAL A 12 -20.16 44.13 -10.11
C VAL A 12 -19.42 45.45 -9.92
N MET A 13 -19.86 46.21 -8.92
CA MET A 13 -19.28 47.51 -8.61
C MET A 13 -18.07 47.33 -7.74
N GLU A 14 -17.22 48.33 -7.67
CA GLU A 14 -16.17 48.28 -6.66
C GLU A 14 -16.84 48.15 -5.30
N LYS A 15 -16.10 47.63 -4.32
CA LYS A 15 -16.55 47.60 -2.93
C LYS A 15 -17.71 46.64 -2.63
N THR A 16 -18.30 46.04 -3.65
CA THR A 16 -19.31 45.01 -3.41
C THR A 16 -18.68 43.71 -2.89
N THR A 17 -19.54 42.74 -2.65
CA THR A 17 -19.09 41.40 -2.28
C THR A 17 -19.67 40.39 -3.28
N VAL A 18 -18.80 39.60 -3.92
CA VAL A 18 -19.25 38.61 -4.90
C VAL A 18 -19.04 37.17 -4.44
N THR A 19 -20.00 36.31 -4.82
CA THR A 19 -19.95 34.86 -4.61
C THR A 19 -19.84 34.18 -5.96
N MET A 20 -18.87 33.28 -6.14
CA MET A 20 -18.80 32.41 -7.33
C MET A 20 -19.17 30.99 -7.00
N ASP A 21 -20.15 30.44 -7.69
CA ASP A 21 -20.56 29.07 -7.45
C ASP A 21 -19.54 28.10 -7.99
N CYS A 22 -19.54 26.90 -7.42
CA CYS A 22 -18.87 25.73 -7.96
C CYS A 22 -19.50 24.52 -7.30
N VAL A 23 -19.77 23.50 -8.07
CA VAL A 23 -20.32 22.27 -7.55
C VAL A 23 -19.43 21.15 -8.07
N TYR A 24 -19.31 20.04 -7.35
CA TYR A 24 -18.33 19.02 -7.72
C TYR A 24 -18.86 17.64 -7.48
N GLU A 25 -18.26 16.63 -8.11
CA GLU A 25 -18.54 15.23 -7.81
C GLU A 25 -17.25 14.42 -7.68
N THR A 26 -17.18 13.57 -6.67
CA THR A 26 -16.07 12.66 -6.48
C THR A 26 -16.50 11.55 -5.58
N GLN A 27 -15.93 10.39 -5.78
CA GLN A 27 -16.26 9.28 -4.89
C GLN A 27 -15.15 9.00 -3.88
N ASP A 28 -14.20 9.92 -3.78
CA ASP A 28 -13.09 9.79 -2.85
C ASP A 28 -13.52 10.06 -1.41
N SER A 29 -12.96 9.29 -0.49
CA SER A 29 -13.19 9.53 0.92
C SER A 29 -12.65 10.89 1.33
N SER A 30 -11.42 11.17 0.93
CA SER A 30 -10.84 12.48 1.25
C SER A 30 -10.57 13.23 -0.04
N TYR A 31 -10.85 14.52 -0.07
CA TYR A 31 -10.60 15.30 -1.28
C TYR A 31 -10.27 16.76 -0.99
N PHE A 32 -9.82 17.47 -2.02
CA PHE A 32 -9.28 18.82 -1.83
C PHE A 32 -9.78 19.71 -2.94
N LEU A 33 -10.18 20.94 -2.58
CA LEU A 33 -10.87 21.83 -3.48
C LEU A 33 -10.09 23.10 -3.54
N PHE A 34 -9.93 23.67 -4.74
CA PHE A 34 -9.13 24.88 -4.84
C PHE A 34 -9.76 25.93 -5.70
N TRP A 35 -9.34 27.16 -5.45
CA TRP A 35 -9.65 28.26 -6.32
C TRP A 35 -8.36 28.88 -6.77
N TYR A 36 -8.29 29.15 -8.07
CA TYR A 36 -7.16 29.80 -8.71
C TYR A 36 -7.75 30.95 -9.49
N LYS A 37 -6.95 31.95 -9.81
CA LYS A 37 -7.43 32.98 -10.74
C LYS A 37 -6.39 33.16 -11.82
N GLN A 38 -6.85 33.53 -13.01
CA GLN A 38 -5.98 33.76 -14.16
C GLN A 38 -6.11 35.21 -14.61
N THR A 39 -4.99 35.88 -14.79
CA THR A 39 -4.98 37.30 -15.13
C THR A 39 -4.91 37.52 -16.64
N ALA A 40 -5.11 38.76 -17.06
CA ALA A 40 -5.03 39.15 -18.47
C ALA A 40 -3.80 38.60 -19.19
N SER A 41 -2.65 38.58 -18.51
CA SER A 41 -1.46 38.05 -19.16
C SER A 41 -1.35 36.52 -19.06
N GLY A 42 -2.36 35.86 -18.53
CA GLY A 42 -2.37 34.41 -18.54
C GLY A 42 -1.66 33.69 -17.40
N GLU A 43 -1.24 34.41 -16.36
CA GLU A 43 -0.64 33.72 -15.23
C GLU A 43 -1.71 33.16 -14.31
N ILE A 44 -1.46 31.98 -13.76
CA ILE A 44 -2.46 31.29 -12.95
C ILE A 44 -2.07 31.28 -11.46
N VAL A 45 -2.72 32.13 -10.69
CA VAL A 45 -2.33 32.35 -9.31
C VAL A 45 -3.24 31.61 -8.32
N PHE A 46 -2.64 30.86 -7.40
CA PHE A 46 -3.42 30.08 -6.43
C PHE A 46 -4.01 31.01 -5.39
N LEU A 47 -5.25 30.76 -5.00
CA LEU A 47 -5.97 31.64 -4.09
C LEU A 47 -6.23 31.04 -2.71
N ILE A 48 -6.77 29.83 -2.66
CA ILE A 48 -7.30 29.30 -1.40
C ILE A 48 -7.66 27.83 -1.60
N ARG A 49 -7.65 27.03 -0.54
CA ARG A 49 -7.99 25.61 -0.67
C ARG A 49 -8.87 25.14 0.48
N GLN A 50 -9.59 24.06 0.28
CA GLN A 50 -10.40 23.52 1.35
C GLN A 50 -10.26 22.02 1.37
N ASP A 51 -9.85 21.49 2.52
CA ASP A 51 -9.77 20.04 2.74
C ASP A 51 -11.13 19.52 3.20
N SER A 52 -11.52 18.35 2.72
CA SER A 52 -12.87 17.87 2.92
C SER A 52 -13.12 17.46 4.37
N TYR A 53 -12.07 16.95 5.02
CA TYR A 53 -12.16 16.45 6.40
C TYR A 53 -11.97 17.56 7.39
N LYS A 54 -11.54 18.71 6.92
CA LYS A 54 -11.47 19.89 7.77
C LYS A 54 -12.88 20.47 7.93
N LYS A 55 -13.31 20.68 9.18
CA LYS A 55 -14.67 21.12 9.48
C LYS A 55 -14.80 22.63 9.72
N GLU A 56 -14.15 23.44 8.89
CA GLU A 56 -14.27 24.89 8.97
C GLU A 56 -14.01 25.54 7.60
N ASN A 57 -14.84 26.50 7.20
CA ASN A 57 -14.63 27.26 5.97
C ASN A 57 -13.27 27.93 5.94
N ALA A 58 -12.42 27.55 4.99
CA ALA A 58 -11.14 28.24 4.83
C ALA A 58 -11.35 29.74 4.59
N THR A 59 -10.37 30.53 5.02
CA THR A 59 -10.35 31.95 4.69
C THR A 59 -8.93 32.52 4.70
N VAL A 60 -8.65 33.45 3.78
CA VAL A 60 -7.34 34.11 3.64
C VAL A 60 -7.54 35.44 2.94
N GLY A 61 -7.12 36.52 3.57
CA GLY A 61 -7.26 37.86 3.00
C GLY A 61 -8.73 38.15 2.83
N HIS A 62 -9.11 38.70 1.68
CA HIS A 62 -10.55 38.89 1.39
C HIS A 62 -11.19 37.70 0.73
N TYR A 63 -10.40 36.67 0.45
CA TYR A 63 -10.90 35.41 -0.08
C TYR A 63 -11.40 34.55 1.07
N SER A 64 -12.61 33.98 0.92
CA SER A 64 -13.13 33.03 1.91
C SER A 64 -14.07 32.02 1.26
N LEU A 65 -14.08 30.80 1.76
CA LEU A 65 -14.87 29.74 1.16
C LEU A 65 -16.15 29.55 1.90
N ASN A 66 -17.18 29.10 1.19
CA ASN A 66 -18.40 28.64 1.81
C ASN A 66 -18.51 27.20 1.41
N PHE A 67 -18.06 26.32 2.29
CA PHE A 67 -17.96 24.90 1.98
C PHE A 67 -19.16 24.14 2.46
N GLN A 68 -19.87 23.47 1.57
CA GLN A 68 -21.09 22.82 1.97
C GLN A 68 -21.15 21.37 1.51
N LYS A 69 -20.41 20.54 2.25
CA LYS A 69 -20.31 19.11 1.96
C LYS A 69 -21.58 18.48 1.39
N PRO A 70 -22.72 18.61 2.07
CA PRO A 70 -23.87 17.81 1.69
C PRO A 70 -24.29 18.22 0.29
N LYS A 71 -24.18 19.50 0.00
CA LYS A 71 -24.61 20.04 -1.29
C LYS A 71 -23.55 19.91 -2.38
N SER A 72 -22.46 19.20 -2.07
CA SER A 72 -21.34 19.06 -2.99
C SER A 72 -20.94 20.41 -3.56
N SER A 73 -20.92 21.44 -2.72
CA SER A 73 -20.75 22.80 -3.21
C SER A 73 -19.62 23.57 -2.50
N ILE A 74 -18.97 24.49 -3.22
CA ILE A 74 -17.84 25.19 -2.65
C ILE A 74 -17.66 26.57 -3.26
N GLY A 75 -18.42 27.52 -2.76
CA GLY A 75 -18.38 28.87 -3.33
C GLY A 75 -17.16 29.63 -2.90
N LEU A 76 -16.77 30.62 -3.70
CA LEU A 76 -15.66 31.50 -3.31
C LEU A 76 -16.24 32.86 -3.10
N ILE A 77 -16.06 33.39 -1.89
CA ILE A 77 -16.54 34.73 -1.57
C ILE A 77 -15.39 35.72 -1.56
N ILE A 78 -15.53 36.78 -2.34
CA ILE A 78 -14.62 37.91 -2.22
C ILE A 78 -15.40 39.04 -1.58
N THR A 79 -14.88 39.56 -0.48
CA THR A 79 -15.57 40.63 0.22
C THR A 79 -14.82 41.89 -0.13
N ALA A 80 -15.55 42.98 -0.34
CA ALA A 80 -14.89 44.24 -0.70
C ALA A 80 -14.09 44.05 -1.99
N THR A 81 -14.79 43.99 -3.11
CA THR A 81 -14.15 43.78 -4.41
C THR A 81 -13.35 44.99 -4.87
N GLN A 82 -12.11 44.74 -5.30
CA GLN A 82 -11.25 45.80 -5.80
C GLN A 82 -11.14 45.69 -7.32
N ILE A 83 -10.69 46.75 -7.99
CA ILE A 83 -10.55 46.77 -9.45
C ILE A 83 -9.62 45.64 -9.91
N GLU A 84 -8.51 45.47 -9.20
CA GLU A 84 -7.51 44.46 -9.56
C GLU A 84 -8.01 43.04 -9.29
N ASP A 85 -9.22 42.92 -8.77
CA ASP A 85 -9.83 41.63 -8.50
C ASP A 85 -10.45 41.03 -9.75
N SER A 86 -10.32 41.77 -10.86
CA SER A 86 -10.95 41.40 -12.12
C SER A 86 -10.09 40.38 -12.85
N ALA A 87 -10.66 39.18 -13.06
CA ALA A 87 -9.96 38.10 -13.76
C ALA A 87 -10.91 36.96 -14.08
N VAL A 88 -10.36 35.83 -14.53
CA VAL A 88 -11.15 34.62 -14.58
C VAL A 88 -10.83 33.81 -13.34
N TYR A 89 -11.86 33.28 -12.69
CA TYR A 89 -11.70 32.52 -11.47
C TYR A 89 -11.98 31.05 -11.71
N PHE A 90 -10.99 30.23 -11.39
CA PHE A 90 -11.09 28.80 -11.61
C PHE A 90 -11.29 28.03 -10.32
N CYS A 91 -12.26 27.12 -10.37
CA CYS A 91 -12.51 26.22 -9.28
C CYS A 91 -11.94 24.85 -9.66
N ALA A 92 -11.19 24.20 -8.76
CA ALA A 92 -10.57 22.94 -9.11
C ALA A 92 -10.62 21.91 -7.98
N MET A 93 -10.41 20.65 -8.33
CA MET A 93 -10.47 19.59 -7.35
C MET A 93 -9.47 18.45 -7.65
N ARG A 94 -8.89 17.86 -6.62
CA ARG A 94 -7.91 16.81 -6.88
C ARG A 94 -8.49 15.49 -7.43
N GLY A 95 -8.06 15.15 -8.65
CA GLY A 95 -8.68 14.17 -9.50
C GLY A 95 -8.34 12.72 -9.20
N ASP A 96 -9.21 12.15 -8.36
CA ASP A 96 -9.20 10.77 -7.80
C ASP A 96 -8.02 9.85 -8.03
N TYR A 97 -7.52 9.34 -6.90
CA TYR A 97 -6.21 8.69 -6.81
C TYR A 97 -6.07 7.38 -7.61
N GLY A 98 -5.05 7.32 -8.47
CA GLY A 98 -4.81 6.13 -9.27
C GLY A 98 -3.88 6.31 -10.44
N GLY A 99 -2.62 5.91 -10.28
CA GLY A 99 -1.54 6.03 -11.26
C GLY A 99 -1.24 7.47 -11.69
N SER A 100 -2.25 8.06 -12.32
CA SER A 100 -2.30 9.44 -12.78
C SER A 100 -1.25 10.43 -12.24
N GLY A 101 -1.02 10.50 -10.93
CA GLY A 101 0.00 11.40 -10.42
C GLY A 101 -0.46 12.67 -9.70
N ASN A 102 -0.49 13.80 -10.41
CA ASN A 102 -0.85 15.08 -9.81
C ASN A 102 -2.06 15.74 -10.46
N LYS A 103 -3.23 15.10 -10.40
CA LYS A 103 -4.35 15.48 -11.29
C LYS A 103 -5.37 16.45 -10.70
N LEU A 104 -5.27 17.70 -11.13
CA LEU A 104 -6.26 18.69 -10.81
C LEU A 104 -7.32 18.65 -11.92
N ILE A 105 -8.58 18.69 -11.53
CA ILE A 105 -9.69 18.75 -12.48
C ILE A 105 -10.31 20.13 -12.40
N PHE A 106 -10.37 20.83 -13.52
CA PHE A 106 -10.82 22.23 -13.49
C PHE A 106 -12.23 22.43 -14.02
N GLY A 107 -12.91 23.43 -13.48
CA GLY A 107 -14.15 23.86 -14.09
C GLY A 107 -13.81 24.84 -15.21
N THR A 108 -14.86 25.30 -15.89
CA THR A 108 -14.69 26.10 -17.09
C THR A 108 -14.32 27.53 -16.75
N GLY A 109 -14.41 27.91 -15.49
CA GLY A 109 -14.00 29.24 -15.08
C GLY A 109 -15.07 30.31 -15.21
N THR A 110 -14.92 31.37 -14.41
CA THR A 110 -15.86 32.49 -14.35
C THR A 110 -15.14 33.81 -14.47
N LEU A 111 -15.63 34.65 -15.39
CA LEU A 111 -15.06 35.98 -15.56
C LEU A 111 -15.65 36.90 -14.51
N LEU A 112 -14.80 37.70 -13.88
CA LEU A 112 -15.29 38.65 -12.90
C LEU A 112 -14.88 40.02 -13.35
N SER A 113 -15.88 40.85 -13.57
CA SER A 113 -15.65 42.25 -13.90
C SER A 113 -15.98 43.16 -12.71
N VAL A 114 -14.99 43.92 -12.28
CA VAL A 114 -15.21 44.93 -11.24
C VAL A 114 -15.14 46.35 -11.81
N LYS A 115 -16.31 47.00 -11.84
CA LYS A 115 -16.47 48.34 -12.45
C LYS A 115 -16.14 49.47 -11.49
N PRO A 116 -15.33 50.42 -11.95
CA PRO A 116 -14.92 51.56 -11.13
C PRO A 116 -16.04 52.57 -11.02
N VAL B 1 11.39 35.15 -6.99
CA VAL B 1 11.01 34.24 -5.87
C VAL B 1 9.97 33.21 -6.32
N THR B 2 9.96 32.92 -7.62
CA THR B 2 9.03 31.92 -8.17
C THR B 2 9.65 30.54 -8.15
N LEU B 3 8.79 29.52 -8.12
CA LEU B 3 9.21 28.14 -8.01
C LEU B 3 9.70 27.55 -9.34
N LEU B 4 9.17 28.09 -10.44
CA LEU B 4 9.30 27.48 -11.75
C LEU B 4 9.61 28.50 -12.80
N GLU B 5 10.42 28.11 -13.77
CA GLU B 5 10.73 28.96 -14.90
C GLU B 5 10.44 28.18 -16.18
N GLN B 6 9.71 28.82 -17.08
CA GLN B 6 9.21 28.15 -18.26
C GLN B 6 9.69 28.85 -19.52
N ASN B 7 10.27 28.09 -20.41
CA ASN B 7 10.67 28.64 -21.69
C ASN B 7 10.42 27.62 -22.81
N PRO B 8 10.03 28.09 -23.99
CA PRO B 8 9.92 29.52 -24.29
C PRO B 8 8.58 30.07 -23.86
N ARG B 9 8.41 31.38 -23.91
CA ARG B 9 7.24 32.00 -23.33
C ARG B 9 6.08 31.96 -24.29
N TRP B 10 6.40 32.01 -25.59
CA TRP B 10 5.39 31.85 -26.62
C TRP B 10 6.03 31.30 -27.87
N ARG B 11 5.22 30.91 -28.85
CA ARG B 11 5.73 30.49 -30.14
C ARG B 11 4.73 30.78 -31.22
N LEU B 12 5.19 31.29 -32.35
CA LEU B 12 4.35 31.41 -33.53
C LEU B 12 4.82 30.35 -34.50
N VAL B 13 3.88 29.54 -34.99
CA VAL B 13 4.25 28.32 -35.66
C VAL B 13 3.13 27.85 -36.62
N PRO B 14 3.49 27.45 -37.83
CA PRO B 14 2.48 26.95 -38.76
C PRO B 14 1.91 25.62 -38.26
N ARG B 15 0.68 25.27 -38.63
CA ARG B 15 0.09 23.99 -38.32
C ARG B 15 1.14 22.89 -38.46
N GLY B 16 1.28 22.02 -37.46
CA GLY B 16 2.09 20.83 -37.65
C GLY B 16 3.57 20.89 -37.31
N GLN B 17 4.13 22.09 -37.17
CA GLN B 17 5.55 22.21 -36.84
C GLN B 17 5.75 21.85 -35.37
N ALA B 18 6.67 20.92 -35.08
CA ALA B 18 6.94 20.49 -33.72
C ALA B 18 7.46 21.65 -32.88
N VAL B 19 7.15 21.63 -31.58
CA VAL B 19 7.82 22.58 -30.70
C VAL B 19 8.27 21.94 -29.39
N ASN B 20 9.44 22.36 -28.92
CA ASN B 20 9.97 21.91 -27.65
C ASN B 20 9.81 22.96 -26.57
N LEU B 21 9.49 22.49 -25.36
CA LEU B 21 9.27 23.37 -24.24
C LEU B 21 10.12 22.83 -23.14
N ARG B 22 10.49 23.67 -22.19
CA ARG B 22 11.31 23.21 -21.09
C ARG B 22 10.94 24.01 -19.86
N CYS B 23 10.94 23.36 -18.72
CA CYS B 23 10.62 24.03 -17.49
C CYS B 23 11.69 23.64 -16.50
N ILE B 24 12.12 24.62 -15.72
CA ILE B 24 13.19 24.45 -14.76
C ILE B 24 12.64 24.65 -13.36
N LEU B 25 12.84 23.67 -12.49
CA LEU B 25 12.47 23.83 -11.08
C LEU B 25 13.54 24.60 -10.29
N LYS B 26 13.12 25.68 -9.63
CA LYS B 26 14.01 26.56 -8.88
C LYS B 26 14.04 26.21 -7.39
N ASN B 27 12.97 25.60 -6.89
CA ASN B 27 12.89 25.16 -5.50
C ASN B 27 12.62 23.67 -5.41
N SER B 28 13.55 22.92 -4.85
CA SER B 28 13.47 21.47 -4.94
C SER B 28 12.59 20.84 -3.85
N GLN B 29 11.91 21.67 -3.07
CA GLN B 29 10.91 21.15 -2.16
C GLN B 29 9.58 20.91 -2.86
N TYR B 30 9.55 21.09 -4.17
CA TYR B 30 8.35 20.82 -4.96
C TYR B 30 8.68 20.00 -6.19
N PRO B 31 9.17 18.79 -5.98
CA PRO B 31 9.70 17.97 -7.08
C PRO B 31 8.66 17.33 -7.97
N TRP B 32 7.39 17.29 -7.57
CA TRP B 32 6.33 16.76 -8.42
C TRP B 32 5.99 17.78 -9.53
N MET B 33 6.33 17.44 -10.76
CA MET B 33 6.13 18.41 -11.84
C MET B 33 5.16 17.87 -12.88
N SER B 34 4.21 18.72 -13.24
CA SER B 34 3.20 18.33 -14.21
C SER B 34 3.17 19.28 -15.42
N TRP B 35 2.65 18.79 -16.54
CA TRP B 35 2.22 19.65 -17.64
C TRP B 35 0.71 19.73 -17.72
N TYR B 36 0.17 20.94 -17.80
CA TYR B 36 -1.26 21.17 -18.02
C TYR B 36 -1.48 21.95 -19.32
N GLN B 37 -2.56 21.65 -20.04
CA GLN B 37 -2.87 22.44 -21.23
C GLN B 37 -4.14 23.26 -21.07
N GLN B 38 -4.09 24.50 -21.54
CA GLN B 38 -5.28 25.33 -21.61
C GLN B 38 -5.65 25.52 -23.08
N ASP B 39 -6.84 25.11 -23.47
CA ASP B 39 -7.19 25.28 -24.86
C ASP B 39 -7.75 26.68 -25.10
N LEU B 40 -8.14 26.97 -26.34
CA LEU B 40 -8.51 28.33 -26.72
C LEU B 40 -9.77 28.87 -26.02
N GLN B 41 -10.65 28.01 -25.53
CA GLN B 41 -11.72 28.50 -24.64
C GLN B 41 -11.35 28.38 -23.16
N LYS B 42 -10.06 28.33 -22.88
CA LYS B 42 -9.58 28.43 -21.49
C LYS B 42 -9.73 27.18 -20.61
N GLN B 43 -10.22 26.08 -21.15
CA GLN B 43 -10.31 24.85 -20.39
C GLN B 43 -8.92 24.28 -20.09
N LEU B 44 -8.58 24.23 -18.81
CA LEU B 44 -7.37 23.61 -18.32
C LEU B 44 -7.60 22.10 -18.24
N GLN B 45 -6.60 21.32 -18.62
CA GLN B 45 -6.69 19.87 -18.51
C GLN B 45 -5.30 19.28 -18.26
N TRP B 46 -5.21 18.34 -17.34
CA TRP B 46 -3.95 17.67 -16.98
C TRP B 46 -3.41 16.82 -18.13
N LEU B 47 -2.07 16.75 -18.30
CA LEU B 47 -1.41 15.86 -19.27
C LEU B 47 -0.52 14.78 -18.67
N PHE B 48 0.43 15.21 -17.85
CA PHE B 48 1.49 14.36 -17.33
C PHE B 48 1.90 14.82 -15.95
N THR B 49 2.35 13.87 -15.14
CA THR B 49 3.09 14.18 -13.92
C THR B 49 4.32 13.31 -13.90
N LEU B 50 5.49 13.89 -13.80
CA LEU B 50 6.71 13.12 -13.96
C LEU B 50 7.64 13.40 -12.80
N ARG B 51 7.85 12.40 -11.95
CA ARG B 51 8.58 12.61 -10.71
C ARG B 51 10.09 12.37 -10.81
N SER B 52 10.49 11.32 -11.51
CA SER B 52 11.89 10.87 -11.52
C SER B 52 12.63 11.09 -12.84
N PRO B 53 13.91 11.48 -12.78
CA PRO B 53 14.74 11.65 -13.98
C PRO B 53 14.70 10.40 -14.80
N GLY B 54 14.44 10.52 -16.09
CA GLY B 54 14.30 9.37 -16.97
C GLY B 54 12.85 8.99 -17.20
N ASP B 55 11.94 9.53 -16.39
CA ASP B 55 10.53 9.33 -16.65
C ASP B 55 10.18 9.95 -17.99
N LYS B 56 9.67 9.12 -18.89
CA LYS B 56 9.33 9.48 -20.25
C LYS B 56 7.85 9.13 -20.44
N GLU B 57 7.11 9.88 -21.26
CA GLU B 57 5.74 9.46 -21.59
C GLU B 57 5.03 10.18 -22.74
N VAL B 58 4.03 9.50 -23.31
CA VAL B 58 3.26 9.99 -24.44
C VAL B 58 1.77 10.11 -24.14
N LYS B 59 1.08 11.01 -24.82
CA LYS B 59 -0.35 11.21 -24.59
C LYS B 59 -0.89 12.03 -25.76
N SER B 60 -1.82 11.43 -26.50
CA SER B 60 -2.51 12.12 -27.58
C SER B 60 -3.76 12.81 -27.09
N LEU B 61 -3.87 14.12 -27.26
CA LEU B 61 -5.10 14.86 -27.01
C LEU B 61 -5.63 15.37 -28.35
N PRO B 62 -6.90 15.73 -28.43
CA PRO B 62 -7.45 16.30 -29.66
C PRO B 62 -6.71 17.58 -30.07
N GLY B 63 -6.04 17.56 -31.21
CA GLY B 63 -5.37 18.76 -31.66
C GLY B 63 -3.87 18.76 -31.46
N ALA B 64 -3.31 17.81 -30.69
CA ALA B 64 -1.87 17.79 -30.43
C ALA B 64 -1.34 16.44 -29.92
N ASP B 65 -0.09 16.12 -30.22
CA ASP B 65 0.48 14.84 -29.73
C ASP B 65 1.67 15.14 -28.87
N TYR B 66 1.68 14.64 -27.63
CA TYR B 66 2.69 15.02 -26.65
C TYR B 66 3.66 13.91 -26.26
N LEU B 67 4.91 14.32 -25.98
CA LEU B 67 5.90 13.45 -25.38
C LEU B 67 6.72 14.23 -24.35
N ALA B 68 6.78 13.70 -23.14
CA ALA B 68 7.29 14.43 -21.98
C ALA B 68 8.40 13.69 -21.29
N THR B 69 9.42 14.41 -20.87
CA THR B 69 10.53 13.81 -20.16
C THR B 69 10.89 14.60 -18.94
N ARG B 70 11.04 13.89 -17.82
CA ARG B 70 11.70 14.45 -16.65
C ARG B 70 13.17 14.21 -16.93
N VAL B 71 13.94 15.24 -17.23
CA VAL B 71 15.32 14.97 -17.65
C VAL B 71 16.28 14.83 -16.47
N THR B 72 16.26 15.82 -15.58
CA THR B 72 17.00 15.74 -14.32
C THR B 72 16.05 16.16 -13.22
N ASP B 73 16.52 16.19 -11.98
CA ASP B 73 15.66 16.58 -10.86
C ASP B 73 15.10 18.00 -10.97
N THR B 74 15.65 18.81 -11.86
CA THR B 74 15.12 20.16 -12.02
C THR B 74 14.61 20.49 -13.43
N GLU B 75 14.91 19.66 -14.42
CA GLU B 75 14.48 19.95 -15.78
C GLU B 75 13.36 19.03 -16.26
N LEU B 76 12.28 19.64 -16.71
CA LEU B 76 11.20 18.90 -17.29
C LEU B 76 10.99 19.41 -18.72
N ARG B 77 10.80 18.47 -19.64
CA ARG B 77 10.67 18.82 -21.05
C ARG B 77 9.34 18.38 -21.66
N LEU B 78 9.04 18.94 -22.83
CA LEU B 78 7.78 18.68 -23.52
C LEU B 78 7.97 18.80 -25.00
N GLN B 79 7.65 17.75 -25.73
CA GLN B 79 7.56 17.82 -27.18
C GLN B 79 6.09 17.93 -27.54
N VAL B 80 5.74 18.94 -28.32
CA VAL B 80 4.40 19.02 -28.85
C VAL B 80 4.48 18.79 -30.36
N ALA B 81 3.90 17.72 -30.86
CA ALA B 81 3.89 17.45 -32.28
C ALA B 81 2.49 17.66 -32.91
N ASN B 82 2.45 17.81 -34.23
CA ASN B 82 1.22 17.84 -35.01
C ASN B 82 0.24 18.90 -34.60
N MET B 83 0.71 20.01 -34.08
CA MET B 83 -0.23 20.93 -33.44
C MET B 83 -1.12 21.52 -34.49
N SER B 84 -2.42 21.33 -34.33
CA SER B 84 -3.37 21.82 -35.31
C SER B 84 -4.05 23.10 -34.89
N GLN B 85 -4.21 23.32 -33.58
CA GLN B 85 -4.67 24.62 -33.05
C GLN B 85 -3.77 25.05 -31.89
N GLY B 86 -3.73 26.35 -31.65
CA GLY B 86 -2.99 26.88 -30.53
C GLY B 86 -3.56 26.41 -29.21
N ARG B 87 -2.76 26.60 -28.15
CA ARG B 87 -3.09 26.20 -26.80
C ARG B 87 -1.92 26.72 -25.99
N THR B 88 -2.07 26.80 -24.68
CA THR B 88 -0.90 27.14 -23.91
C THR B 88 -0.58 26.05 -22.89
N LEU B 89 0.71 25.85 -22.67
CA LEU B 89 1.16 24.78 -21.82
C LEU B 89 1.70 25.30 -20.53
N TYR B 90 1.11 24.85 -19.42
CA TYR B 90 1.58 25.28 -18.11
C TYR B 90 2.35 24.15 -17.45
N CYS B 91 3.51 24.49 -16.90
CA CYS B 91 4.25 23.59 -16.03
C CYS B 91 3.71 23.83 -14.61
N THR B 92 3.55 22.77 -13.82
CA THR B 92 3.26 22.96 -12.40
C THR B 92 4.19 22.17 -11.49
N CYS B 93 4.27 22.59 -10.23
CA CYS B 93 4.99 21.83 -9.21
C CYS B 93 4.16 21.75 -7.95
N SER B 94 4.39 20.68 -7.20
CA SER B 94 3.73 20.50 -5.91
C SER B 94 4.64 19.67 -5.01
N ALA B 95 4.43 19.73 -3.70
CA ALA B 95 5.35 19.10 -2.74
C ALA B 95 5.14 17.58 -2.58
N ASP B 96 3.96 17.10 -2.98
CA ASP B 96 3.71 15.65 -3.02
C ASP B 96 2.50 15.32 -3.90
N ARG B 97 2.19 14.04 -4.09
CA ARG B 97 1.16 13.66 -5.07
C ARG B 97 -0.26 13.61 -4.53
N VAL B 98 -0.42 13.55 -3.22
CA VAL B 98 -1.73 13.62 -2.61
C VAL B 98 -1.89 15.02 -2.02
N GLY B 99 -3.04 15.63 -2.28
CA GLY B 99 -3.49 16.80 -1.56
C GLY B 99 -2.69 18.09 -1.52
N ASN B 100 -1.41 18.10 -1.85
CA ASN B 100 -0.71 19.39 -1.77
C ASN B 100 -1.09 20.35 -2.93
N THR B 101 -0.96 21.64 -2.68
CA THR B 101 -1.33 22.62 -3.67
C THR B 101 -0.42 22.56 -4.88
N LEU B 102 -0.98 22.75 -6.08
CA LEU B 102 -0.20 22.91 -7.30
C LEU B 102 0.13 24.39 -7.55
N TYR B 103 1.37 24.68 -7.89
CA TYR B 103 1.68 26.05 -8.28
C TYR B 103 2.05 26.12 -9.77
N PHE B 104 1.51 27.13 -10.45
CA PHE B 104 1.69 27.20 -11.90
C PHE B 104 2.85 28.08 -12.38
N GLY B 105 3.61 27.59 -13.36
CA GLY B 105 4.53 28.45 -14.07
C GLY B 105 3.79 29.52 -14.89
N GLU B 106 4.50 30.20 -15.76
CA GLU B 106 3.93 31.33 -16.46
C GLU B 106 3.32 30.93 -17.83
N GLY B 107 3.52 29.67 -18.23
CA GLY B 107 2.92 29.16 -19.43
C GLY B 107 3.71 29.44 -20.68
N SER B 108 3.76 28.48 -21.59
CA SER B 108 4.36 28.63 -22.90
C SER B 108 3.22 28.71 -23.88
N ARG B 109 2.94 29.91 -24.40
CA ARG B 109 1.82 30.11 -25.31
C ARG B 109 2.07 29.77 -26.82
N LEU B 110 1.34 28.79 -27.35
CA LEU B 110 1.54 28.34 -28.75
C LEU B 110 0.47 28.85 -29.71
N ILE B 111 0.93 29.41 -30.83
CA ILE B 111 0.06 30.11 -31.76
C ILE B 111 0.29 29.58 -33.16
N VAL B 112 -0.75 29.03 -33.75
CA VAL B 112 -0.69 28.50 -35.08
C VAL B 112 -0.90 29.66 -36.02
N VAL B 113 0.02 29.84 -36.94
CA VAL B 113 0.08 31.08 -37.66
C VAL B 113 0.12 30.85 -39.16
N GLY C 1 -15.76 -10.61 20.09
CA GLY C 1 -14.37 -10.14 20.39
C GLY C 1 -14.01 -8.88 19.63
N PRO C 2 -12.84 -8.30 19.94
CA PRO C 2 -12.37 -7.11 19.22
C PRO C 2 -11.87 -7.49 17.84
N HIS C 3 -12.40 -6.87 16.79
CA HIS C 3 -11.90 -7.14 15.44
C HIS C 3 -10.91 -6.10 14.98
N SER C 4 -10.21 -6.43 13.91
CA SER C 4 -9.33 -5.46 13.33
C SER C 4 -9.42 -5.49 11.82
N LEU C 5 -8.97 -4.40 11.19
CA LEU C 5 -8.74 -4.35 9.75
C LEU C 5 -7.33 -3.83 9.53
N ARG C 6 -6.48 -4.59 8.86
CA ARG C 6 -5.08 -4.19 8.73
C ARG C 6 -4.60 -4.37 7.31
N TYR C 7 -3.79 -3.42 6.81
CA TYR C 7 -3.17 -3.54 5.51
C TYR C 7 -1.65 -3.62 5.64
N PHE C 8 -1.05 -4.64 5.03
CA PHE C 8 0.39 -4.82 5.04
C PHE C 8 0.93 -4.52 3.64
N VAL C 9 1.92 -3.64 3.54
CA VAL C 9 2.41 -3.19 2.24
C VAL C 9 3.90 -3.44 2.12
N THR C 10 4.34 -3.99 0.99
CA THR C 10 5.76 -4.18 0.75
C THR C 10 6.11 -3.53 -0.56
N ALA C 11 7.21 -2.81 -0.59
CA ALA C 11 7.80 -2.31 -1.81
C ALA C 11 9.24 -2.76 -1.73
N VAL C 12 9.69 -3.52 -2.72
CA VAL C 12 11.06 -4.01 -2.69
C VAL C 12 11.75 -3.79 -4.03
N SER C 13 12.82 -3.01 -4.01
CA SER C 13 13.53 -2.68 -5.24
C SER C 13 14.42 -3.85 -5.66
N ARG C 14 14.63 -4.01 -6.97
CA ARG C 14 15.51 -5.06 -7.50
C ARG C 14 16.29 -4.56 -8.73
N PRO C 15 17.23 -3.64 -8.50
CA PRO C 15 17.93 -2.95 -9.59
C PRO C 15 18.43 -3.90 -10.68
N GLY C 16 18.48 -3.41 -11.92
CA GLY C 16 18.91 -4.22 -13.03
C GLY C 16 17.88 -5.27 -13.38
N LEU C 17 17.26 -5.88 -12.37
CA LEU C 17 16.34 -7.00 -12.58
C LEU C 17 14.85 -6.61 -12.60
N GLY C 18 14.55 -5.45 -13.18
CA GLY C 18 13.16 -5.05 -13.36
C GLY C 18 12.72 -3.83 -12.56
N GLU C 19 11.45 -3.81 -12.20
CA GLU C 19 10.86 -2.68 -11.48
C GLU C 19 10.46 -3.13 -10.05
N PRO C 20 10.60 -2.23 -9.08
CA PRO C 20 10.23 -2.53 -7.69
C PRO C 20 8.98 -3.38 -7.60
N ARG C 21 9.10 -4.52 -6.94
CA ARG C 21 7.96 -5.39 -6.73
C ARG C 21 7.07 -4.81 -5.65
N TYR C 22 5.77 -4.75 -5.89
CA TYR C 22 4.86 -4.08 -4.98
C TYR C 22 3.75 -5.00 -4.53
N MET C 23 3.31 -4.83 -3.29
CA MET C 23 2.33 -5.74 -2.68
C MET C 23 1.49 -5.05 -1.64
N GLU C 24 0.18 -5.26 -1.70
CA GLU C 24 -0.73 -4.88 -0.62
C GLU C 24 -1.53 -6.12 -0.24
N VAL C 25 -1.43 -6.54 1.02
CA VAL C 25 -2.23 -7.65 1.52
C VAL C 25 -3.13 -7.08 2.61
N GLY C 26 -4.39 -7.50 2.63
CA GLY C 26 -5.30 -7.03 3.66
C GLY C 26 -5.78 -8.15 4.54
N TYR C 27 -5.89 -7.88 5.84
CA TYR C 27 -6.38 -8.86 6.79
C TYR C 27 -7.53 -8.28 7.57
N VAL C 28 -8.48 -9.16 7.87
CA VAL C 28 -9.58 -8.89 8.77
C VAL C 28 -9.50 -9.94 9.85
N ASP C 29 -9.64 -9.52 11.10
CA ASP C 29 -9.39 -10.39 12.24
C ASP C 29 -8.20 -11.28 11.92
N ASP C 30 -7.25 -10.75 11.14
CA ASP C 30 -5.99 -11.43 10.92
C ASP C 30 -5.99 -12.64 9.96
N THR C 31 -7.00 -12.75 9.10
CA THR C 31 -6.87 -13.66 7.95
C THR C 31 -6.90 -12.88 6.63
N GLU C 32 -6.11 -13.35 5.68
CA GLU C 32 -5.95 -12.70 4.39
C GLU C 32 -7.27 -12.64 3.63
N PHE C 33 -7.76 -11.44 3.33
CA PHE C 33 -9.01 -11.33 2.61
C PHE C 33 -8.93 -10.55 1.29
N VAL C 34 -7.79 -9.92 1.02
CA VAL C 34 -7.52 -9.29 -0.28
C VAL C 34 -6.03 -9.20 -0.53
N ARG C 35 -5.65 -9.21 -1.80
CA ARG C 35 -4.25 -9.09 -2.13
C ARG C 35 -4.10 -8.35 -3.46
N PHE C 36 -2.95 -7.70 -3.62
CA PHE C 36 -2.54 -7.09 -4.87
C PHE C 36 -1.07 -7.41 -4.99
N ASP C 37 -0.65 -7.84 -6.17
CA ASP C 37 0.73 -8.20 -6.37
C ASP C 37 1.16 -7.67 -7.72
N SER C 38 2.00 -6.65 -7.72
CA SER C 38 2.43 -6.04 -8.95
C SER C 38 2.99 -7.10 -9.89
N ASP C 39 3.32 -8.26 -9.35
CA ASP C 39 4.01 -9.30 -10.14
C ASP C 39 3.14 -10.40 -10.72
N ALA C 40 1.84 -10.39 -10.42
CA ALA C 40 0.94 -11.42 -10.93
C ALA C 40 0.68 -11.27 -12.43
N GLU C 41 0.00 -12.25 -13.03
CA GLU C 41 -0.48 -12.14 -14.40
C GLU C 41 -1.71 -11.24 -14.36
N ASN C 42 -1.57 -10.05 -14.95
CA ASN C 42 -2.60 -9.01 -14.89
C ASN C 42 -2.87 -8.46 -13.46
N PRO C 43 -1.97 -7.63 -12.94
CA PRO C 43 -2.08 -7.11 -11.57
C PRO C 43 -3.45 -6.52 -11.28
N ARG C 44 -3.97 -6.78 -10.08
CA ARG C 44 -5.34 -6.43 -9.75
C ARG C 44 -5.65 -6.85 -8.31
N TYR C 45 -6.57 -6.14 -7.67
CA TYR C 45 -6.98 -6.45 -6.31
C TYR C 45 -7.96 -7.63 -6.24
N GLU C 46 -7.42 -8.85 -6.12
CA GLU C 46 -8.27 -10.04 -6.01
C GLU C 46 -8.76 -10.31 -4.61
N PRO C 47 -9.98 -10.79 -4.50
CA PRO C 47 -10.52 -11.27 -3.22
C PRO C 47 -9.72 -12.49 -2.82
N ARG C 48 -9.54 -12.68 -1.53
CA ARG C 48 -8.72 -13.77 -1.04
C ARG C 48 -9.56 -14.67 -0.16
N ALA C 49 -10.83 -14.32 -0.05
CA ALA C 49 -11.78 -15.12 0.69
C ALA C 49 -13.10 -15.14 -0.09
N ARG C 50 -13.71 -16.33 -0.16
CA ARG C 50 -14.95 -16.50 -0.91
C ARG C 50 -15.97 -15.40 -0.58
N TRP C 51 -16.03 -14.98 0.68
CA TRP C 51 -17.04 -14.02 1.09
C TRP C 51 -16.82 -12.60 0.55
N MET C 52 -15.66 -12.38 -0.07
CA MET C 52 -15.34 -11.08 -0.65
C MET C 52 -15.95 -10.97 -2.04
N GLU C 53 -16.18 -12.12 -2.67
CA GLU C 53 -16.80 -12.21 -3.99
C GLU C 53 -18.15 -11.50 -4.03
N GLN C 54 -18.84 -11.50 -2.90
CA GLN C 54 -20.10 -10.80 -2.75
C GLN C 54 -19.91 -9.28 -2.82
N GLU C 55 -18.88 -8.86 -3.54
CA GLU C 55 -18.59 -7.44 -3.71
C GLU C 55 -18.60 -7.09 -5.20
N GLY C 56 -19.32 -6.02 -5.54
CA GLY C 56 -19.46 -5.60 -6.93
C GLY C 56 -18.16 -5.05 -7.50
N PRO C 57 -17.97 -5.24 -8.80
CA PRO C 57 -16.71 -4.85 -9.47
C PRO C 57 -16.38 -3.36 -9.37
N GLU C 58 -17.34 -2.51 -9.00
CA GLU C 58 -17.03 -1.09 -8.78
C GLU C 58 -16.07 -0.95 -7.61
N TYR C 59 -16.12 -1.93 -6.70
CA TYR C 59 -15.26 -1.94 -5.53
C TYR C 59 -13.86 -2.44 -5.91
N TRP C 60 -13.80 -3.34 -6.88
CA TRP C 60 -12.53 -3.90 -7.30
C TRP C 60 -11.82 -2.95 -8.23
N GLU C 61 -12.56 -1.98 -8.74
CA GLU C 61 -12.01 -0.94 -9.60
C GLU C 61 -11.25 0.09 -8.75
N ARG C 62 -11.92 0.66 -7.77
CA ARG C 62 -11.29 1.62 -6.86
C ARG C 62 -10.03 1.06 -6.22
N GLU C 63 -10.15 -0.02 -5.46
CA GLU C 63 -8.98 -0.62 -4.81
C GLU C 63 -7.83 -0.84 -5.77
N THR C 64 -8.10 -1.41 -6.94
CA THR C 64 -7.05 -1.63 -7.93
C THR C 64 -6.33 -0.32 -8.34
N GLN C 65 -7.11 0.71 -8.62
CA GLN C 65 -6.48 1.95 -9.06
C GLN C 65 -5.66 2.52 -7.92
N LYS C 66 -6.25 2.57 -6.72
CA LYS C 66 -5.52 2.98 -5.51
C LYS C 66 -4.15 2.30 -5.40
N ALA C 67 -4.11 1.01 -5.67
CA ALA C 67 -2.88 0.27 -5.47
C ALA C 67 -1.84 0.70 -6.48
N LYS C 68 -2.30 1.00 -7.70
CA LYS C 68 -1.42 1.43 -8.81
C LYS C 68 -0.87 2.81 -8.51
N GLY C 69 -1.71 3.66 -7.94
CA GLY C 69 -1.24 4.91 -7.36
C GLY C 69 -0.16 4.66 -6.31
N ASN C 70 -0.55 3.97 -5.23
CA ASN C 70 0.37 3.58 -4.15
C ASN C 70 1.65 2.94 -4.70
N GLU C 71 1.51 1.96 -5.58
CA GLU C 71 2.68 1.31 -6.15
C GLU C 71 3.66 2.32 -6.71
N GLN C 72 3.14 3.24 -7.52
CA GLN C 72 3.96 4.24 -8.17
C GLN C 72 4.61 5.18 -7.17
N SER C 73 3.90 5.44 -6.08
CA SER C 73 4.43 6.32 -5.04
C SER C 73 5.61 5.66 -4.29
N PHE C 74 5.55 4.35 -4.08
CA PHE C 74 6.61 3.68 -3.34
C PHE C 74 7.82 3.51 -4.19
N ARG C 75 7.58 3.51 -5.50
CA ARG C 75 8.63 3.59 -6.48
C ARG C 75 9.46 4.83 -6.16
N VAL C 76 8.78 5.96 -5.98
CA VAL C 76 9.48 7.21 -5.74
C VAL C 76 10.14 7.23 -4.36
N ASP C 77 9.41 6.74 -3.35
CA ASP C 77 9.91 6.63 -1.97
C ASP C 77 11.21 5.82 -1.87
N LEU C 78 11.28 4.67 -2.56
CA LEU C 78 12.50 3.88 -2.54
C LEU C 78 13.70 4.74 -2.96
N ARG C 79 13.48 5.60 -3.96
CA ARG C 79 14.49 6.53 -4.42
C ARG C 79 14.77 7.63 -3.40
N THR C 80 13.74 8.22 -2.81
CA THR C 80 14.00 9.25 -1.85
C THR C 80 14.98 8.72 -0.81
N LEU C 81 14.72 7.52 -0.32
CA LEU C 81 15.47 6.99 0.80
C LEU C 81 16.96 6.81 0.50
N LEU C 82 17.29 6.50 -0.76
CA LEU C 82 18.69 6.40 -1.19
C LEU C 82 19.42 7.72 -0.94
N GLY C 83 18.72 8.82 -1.10
CA GLY C 83 19.34 10.12 -0.94
C GLY C 83 19.34 10.58 0.50
N TYR C 84 18.41 10.07 1.30
CA TYR C 84 18.37 10.40 2.73
C TYR C 84 19.51 9.67 3.41
N TYR C 85 19.63 8.38 3.10
CA TYR C 85 20.64 7.51 3.71
C TYR C 85 21.95 7.47 2.92
N ASN C 86 22.00 8.24 1.83
CA ASN C 86 23.21 8.29 1.02
C ASN C 86 23.61 6.97 0.41
N GLN C 87 22.69 6.02 0.29
CA GLN C 87 23.03 4.70 -0.25
C GLN C 87 23.25 4.72 -1.76
N SER C 88 23.90 3.67 -2.25
CA SER C 88 24.24 3.58 -3.67
C SER C 88 23.04 3.19 -4.56
N LYS C 89 23.11 3.62 -5.81
CA LYS C 89 21.98 3.51 -6.74
C LYS C 89 21.61 2.09 -7.21
N GLY C 90 22.39 1.09 -6.84
CA GLY C 90 22.18 -0.23 -7.42
C GLY C 90 22.13 -1.40 -6.45
N GLY C 91 21.79 -1.14 -5.19
CA GLY C 91 21.58 -2.22 -4.22
C GLY C 91 20.09 -2.47 -4.02
N SER C 92 19.75 -3.54 -3.31
CA SER C 92 18.34 -3.85 -3.06
C SER C 92 17.87 -3.33 -1.70
N HIS C 93 16.62 -2.89 -1.64
CA HIS C 93 16.07 -2.30 -0.42
C HIS C 93 14.59 -2.55 -0.31
N THR C 94 14.04 -2.34 0.89
CA THR C 94 12.66 -2.73 1.17
C THR C 94 11.97 -1.70 2.02
N ILE C 95 10.72 -1.39 1.69
CA ILE C 95 9.90 -0.54 2.53
C ILE C 95 8.67 -1.34 2.87
N GLN C 96 8.25 -1.30 4.14
CA GLN C 96 7.07 -2.04 4.52
C GLN C 96 6.21 -1.14 5.36
N VAL C 97 4.90 -1.32 5.28
CA VAL C 97 4.00 -0.51 6.06
C VAL C 97 2.95 -1.43 6.66
N ILE C 98 2.54 -1.12 7.90
CA ILE C 98 1.34 -1.72 8.48
C ILE C 98 0.41 -0.58 8.92
N SER C 99 -0.87 -0.66 8.54
CA SER C 99 -1.85 0.36 8.87
C SER C 99 -3.11 -0.38 9.18
N GLY C 100 -3.92 0.19 10.06
CA GLY C 100 -5.19 -0.43 10.40
C GLY C 100 -5.89 0.25 11.55
N CYS C 101 -7.05 -0.28 11.86
CA CYS C 101 -7.78 0.17 13.02
C CYS C 101 -8.17 -1.07 13.81
N GLU C 102 -8.31 -0.91 15.11
CA GLU C 102 -8.76 -1.98 15.97
C GLU C 102 -10.03 -1.52 16.62
N VAL C 103 -11.06 -2.37 16.51
CA VAL C 103 -12.38 -1.97 16.96
C VAL C 103 -12.85 -2.89 18.07
N GLY C 104 -13.48 -2.31 19.08
CA GLY C 104 -14.12 -3.10 20.12
C GLY C 104 -15.35 -3.89 19.65
N SER C 105 -15.72 -4.90 20.44
CA SER C 105 -16.97 -5.65 20.22
C SER C 105 -18.17 -4.70 20.21
N ASP C 106 -18.10 -3.65 21.04
CA ASP C 106 -19.09 -2.59 21.03
C ASP C 106 -18.97 -1.64 19.82
N GLY C 107 -18.00 -1.91 18.94
CA GLY C 107 -17.85 -1.14 17.70
C GLY C 107 -17.09 0.18 17.78
N ARG C 108 -16.77 0.63 18.99
CA ARG C 108 -15.96 1.83 19.21
C ARG C 108 -14.50 1.60 18.76
N LEU C 109 -13.85 2.65 18.31
CA LEU C 109 -12.45 2.51 17.90
C LEU C 109 -11.58 2.36 19.15
N LEU C 110 -10.67 1.40 19.12
CA LEU C 110 -9.76 1.18 20.25
C LEU C 110 -8.38 1.73 19.93
N ARG C 111 -7.92 1.47 18.71
CA ARG C 111 -6.57 1.81 18.31
C ARG C 111 -6.50 2.00 16.80
N GLY C 112 -6.13 3.19 16.36
CA GLY C 112 -5.74 3.38 14.97
C GLY C 112 -4.23 3.41 14.90
N TYR C 113 -3.64 2.99 13.79
CA TYR C 113 -2.18 3.04 13.73
C TYR C 113 -1.66 2.93 12.31
N GLN C 114 -0.37 3.22 12.16
CA GLN C 114 0.35 3.14 10.91
C GLN C 114 1.86 3.19 11.16
N GLN C 115 2.58 2.13 10.81
CA GLN C 115 4.02 2.07 11.06
C GLN C 115 4.78 1.77 9.79
N TYR C 116 5.95 2.38 9.63
CA TYR C 116 6.77 2.17 8.45
C TYR C 116 8.12 1.56 8.83
N ALA C 117 8.61 0.66 7.98
CA ALA C 117 9.96 0.13 8.14
C ALA C 117 10.71 0.28 6.84
N TYR C 118 11.98 0.67 6.95
CA TYR C 118 12.95 0.59 5.87
C TYR C 118 13.97 -0.50 6.15
N ASP C 119 14.11 -1.43 5.20
CA ASP C 119 15.07 -2.52 5.28
C ASP C 119 14.94 -3.31 6.59
N GLY C 120 13.71 -3.51 7.07
CA GLY C 120 13.50 -4.30 8.27
C GLY C 120 13.65 -3.56 9.59
N CYS C 121 14.03 -2.28 9.58
CA CYS C 121 14.07 -1.47 10.81
C CYS C 121 12.99 -0.40 10.89
N ASP C 122 12.35 -0.27 12.03
CA ASP C 122 11.31 0.73 12.18
C ASP C 122 11.85 2.08 11.71
N TYR C 123 11.01 2.84 10.99
CA TYR C 123 11.44 4.07 10.37
C TYR C 123 10.65 5.23 10.96
N ILE C 124 9.33 5.16 10.89
CA ILE C 124 8.47 6.18 11.48
C ILE C 124 7.16 5.53 11.87
N ALA C 125 6.48 6.13 12.84
CA ALA C 125 5.20 5.60 13.33
C ALA C 125 4.27 6.71 13.76
N LEU C 126 2.97 6.47 13.66
CA LEU C 126 2.00 7.40 14.18
C LEU C 126 1.73 7.11 15.66
N ASN C 127 1.80 8.13 16.50
CA ASN C 127 1.55 7.94 17.93
C ASN C 127 0.08 7.73 18.25
N GLU C 128 -0.16 7.19 19.43
CA GLU C 128 -1.49 6.73 19.86
C GLU C 128 -2.49 7.86 19.82
N ASP C 129 -2.03 9.07 20.11
CA ASP C 129 -2.91 10.23 20.11
C ASP C 129 -3.38 10.61 18.70
N LEU C 130 -2.90 9.90 17.68
CA LEU C 130 -3.41 10.08 16.33
C LEU C 130 -3.13 11.47 15.70
N LYS C 131 -2.33 12.29 16.38
CA LYS C 131 -1.99 13.65 15.93
C LYS C 131 -0.52 13.84 15.56
N THR C 132 0.38 13.04 16.15
CA THR C 132 1.84 13.24 16.02
C THR C 132 2.60 11.97 15.66
N TRP C 133 3.85 12.14 15.21
CA TRP C 133 4.70 11.04 14.74
C TRP C 133 5.97 10.82 15.56
N THR C 134 6.38 9.57 15.72
CA THR C 134 7.67 9.31 16.30
C THR C 134 8.60 8.82 15.22
N ALA C 135 9.71 9.51 14.98
CA ALA C 135 10.71 9.10 13.99
C ALA C 135 11.82 8.31 14.67
N ALA C 136 12.30 7.24 14.04
CA ALA C 136 13.29 6.36 14.65
C ALA C 136 14.73 6.81 14.42
N ASP C 137 14.97 7.68 13.45
CA ASP C 137 16.34 8.07 13.09
C ASP C 137 16.37 9.36 12.28
N MET C 138 17.54 9.72 11.76
CA MET C 138 17.70 11.04 11.16
C MET C 138 16.98 11.21 9.83
N ALA C 139 16.80 10.13 9.08
CA ALA C 139 16.10 10.25 7.82
C ALA C 139 14.61 10.40 8.10
N ALA C 140 14.09 9.61 9.04
CA ALA C 140 12.67 9.65 9.29
C ALA C 140 12.28 11.02 9.81
N LEU C 141 13.26 11.70 10.37
CA LEU C 141 13.05 13.03 10.89
C LEU C 141 12.73 13.99 9.75
N ILE C 142 13.33 13.77 8.57
CA ILE C 142 12.98 14.57 7.40
C ILE C 142 11.52 14.32 7.04
N THR C 143 11.18 13.06 6.80
CA THR C 143 9.81 12.61 6.52
C THR C 143 8.82 13.23 7.50
N LYS C 144 9.16 13.15 8.78
CA LYS C 144 8.28 13.64 9.83
C LYS C 144 8.06 15.15 9.76
N HIS C 145 9.14 15.91 9.62
CA HIS C 145 9.01 17.35 9.52
C HIS C 145 8.12 17.65 8.33
N LYS C 146 8.41 17.00 7.22
CA LYS C 146 7.62 17.15 6.01
C LYS C 146 6.15 16.82 6.25
N TRP C 147 5.86 15.70 6.90
CA TRP C 147 4.47 15.34 7.19
C TRP C 147 3.72 16.28 8.18
N GLU C 148 4.45 16.96 9.05
CA GLU C 148 3.82 17.91 9.97
C GLU C 148 3.37 19.17 9.25
N GLN C 149 4.29 19.75 8.48
CA GLN C 149 3.99 20.90 7.65
C GLN C 149 2.78 20.63 6.74
N ALA C 150 2.68 19.42 6.18
CA ALA C 150 1.57 19.13 5.28
C ALA C 150 0.26 18.70 5.96
N GLY C 151 0.24 18.71 7.30
CA GLY C 151 -0.89 18.23 8.08
C GLY C 151 -1.30 16.80 7.73
N GLU C 152 -0.33 16.01 7.28
CA GLU C 152 -0.62 14.66 6.84
C GLU C 152 -1.38 13.80 7.86
N ALA C 153 -1.20 14.05 9.15
CA ALA C 153 -1.87 13.24 10.15
C ALA C 153 -3.37 13.46 10.22
N GLU C 154 -3.85 14.66 9.91
CA GLU C 154 -5.29 14.86 9.95
C GLU C 154 -5.93 14.02 8.86
N ARG C 155 -5.23 13.87 7.75
CA ARG C 155 -5.77 13.05 6.68
C ARG C 155 -5.80 11.60 7.12
N LEU C 156 -4.77 11.18 7.85
CA LEU C 156 -4.66 9.82 8.39
C LEU C 156 -5.72 9.57 9.47
N ARG C 157 -5.90 10.53 10.37
CA ARG C 157 -6.93 10.39 11.39
C ARG C 157 -8.23 10.07 10.68
N ALA C 158 -8.69 11.00 9.83
CA ALA C 158 -9.94 10.84 9.07
C ALA C 158 -10.11 9.46 8.47
N TYR C 159 -9.11 8.97 7.74
CA TYR C 159 -9.16 7.61 7.25
C TYR C 159 -9.31 6.59 8.38
N LEU C 160 -8.53 6.74 9.45
CA LEU C 160 -8.51 5.70 10.49
C LEU C 160 -9.82 5.66 11.27
N GLU C 161 -10.38 6.84 11.53
CA GLU C 161 -11.57 6.98 12.35
C GLU C 161 -12.87 6.82 11.57
N GLY C 162 -12.79 7.00 10.26
CA GLY C 162 -13.95 6.95 9.40
C GLY C 162 -13.96 5.71 8.52
N THR C 163 -13.39 5.83 7.32
CA THR C 163 -13.34 4.73 6.35
C THR C 163 -13.04 3.40 7.01
N CYS C 164 -11.86 3.32 7.61
CA CYS C 164 -11.37 2.06 8.16
C CYS C 164 -12.38 1.36 9.06
N VAL C 165 -12.94 2.10 10.00
CA VAL C 165 -13.90 1.52 10.93
C VAL C 165 -15.19 1.12 10.21
N GLU C 166 -15.68 2.01 9.34
CA GLU C 166 -16.90 1.76 8.61
C GLU C 166 -16.74 0.61 7.63
N TRP C 167 -15.59 0.50 7.01
CA TRP C 167 -15.40 -0.65 6.16
C TRP C 167 -15.09 -1.92 6.96
N LEU C 168 -14.57 -1.78 8.17
CA LEU C 168 -14.39 -2.95 9.01
C LEU C 168 -15.75 -3.55 9.32
N ARG C 169 -16.61 -2.76 9.94
CA ARG C 169 -17.91 -3.29 10.32
C ARG C 169 -18.78 -3.53 9.09
N ARG C 170 -18.20 -4.09 8.04
CA ARG C 170 -18.90 -4.35 6.79
C ARG C 170 -18.31 -5.57 6.12
N TYR C 171 -16.99 -5.69 6.16
CA TYR C 171 -16.32 -6.93 5.80
C TYR C 171 -16.66 -7.98 6.85
N LEU C 172 -17.01 -7.51 8.06
CA LEU C 172 -17.33 -8.39 9.20
C LEU C 172 -18.66 -9.11 9.02
N LYS C 173 -19.65 -8.39 8.51
CA LYS C 173 -20.92 -9.00 8.17
C LYS C 173 -20.69 -10.04 7.09
N ASN C 174 -20.15 -9.60 5.95
CA ASN C 174 -20.02 -10.48 4.80
C ASN C 174 -19.02 -11.61 4.98
N GLY C 175 -18.24 -11.57 6.05
CA GLY C 175 -17.18 -12.53 6.25
C GLY C 175 -17.33 -13.39 7.49
N ASN C 176 -18.27 -13.02 8.35
CA ASN C 176 -18.43 -13.66 9.64
C ASN C 176 -18.43 -15.19 9.64
N ALA C 177 -19.47 -15.77 9.06
CA ALA C 177 -19.60 -17.22 8.97
C ALA C 177 -18.25 -17.92 8.74
N THR C 178 -17.55 -17.52 7.69
CA THR C 178 -16.23 -18.10 7.38
C THR C 178 -15.17 -17.78 8.44
N LEU C 179 -15.30 -16.62 9.07
CA LEU C 179 -14.25 -16.09 9.93
C LEU C 179 -14.32 -16.63 11.34
N LEU C 180 -15.39 -16.30 12.06
CA LEU C 180 -15.53 -16.83 13.41
C LEU C 180 -16.11 -18.23 13.34
N ARG C 181 -15.33 -19.12 12.74
CA ARG C 181 -15.58 -20.55 12.65
C ARG C 181 -14.47 -21.22 13.45
N THR C 182 -14.30 -22.52 13.28
CA THR C 182 -13.23 -23.25 13.97
C THR C 182 -13.29 -24.78 13.77
N ASP C 183 -12.15 -25.43 13.97
CA ASP C 183 -12.04 -26.87 13.74
C ASP C 183 -11.11 -27.57 14.73
N SER C 184 -11.62 -28.64 15.34
CA SER C 184 -10.91 -29.35 16.40
C SER C 184 -9.77 -30.23 15.89
N PRO C 185 -8.73 -30.38 16.70
CA PRO C 185 -7.59 -31.24 16.34
C PRO C 185 -7.85 -32.73 16.56
N LYS C 186 -6.79 -33.52 16.38
CA LYS C 186 -6.81 -34.97 16.59
C LYS C 186 -5.36 -35.42 16.82
N ALA C 187 -5.12 -36.07 17.96
CA ALA C 187 -3.74 -36.33 18.38
C ALA C 187 -3.32 -37.81 18.31
N HIS C 188 -2.04 -38.05 18.55
CA HIS C 188 -1.50 -39.40 18.71
C HIS C 188 -0.03 -39.32 19.12
N VAL C 189 0.36 -40.17 20.07
CA VAL C 189 1.75 -40.21 20.51
C VAL C 189 2.54 -41.15 19.62
N THR C 190 3.86 -41.00 19.61
CA THR C 190 4.69 -41.84 18.77
C THR C 190 6.04 -42.15 19.37
N HIS C 191 6.41 -43.42 19.26
CA HIS C 191 7.71 -43.91 19.70
C HIS C 191 8.67 -43.90 18.52
N HIS C 192 9.85 -43.34 18.73
CA HIS C 192 10.82 -43.16 17.67
C HIS C 192 12.23 -43.35 18.23
N SER C 193 12.35 -44.31 19.14
CA SER C 193 13.65 -44.69 19.69
C SER C 193 14.42 -45.51 18.67
N ARG C 194 15.41 -44.88 18.03
CA ARG C 194 16.28 -45.58 17.10
C ARG C 194 17.08 -46.60 17.89
N PRO C 195 16.98 -47.88 17.51
CA PRO C 195 17.42 -49.00 18.35
C PRO C 195 18.35 -48.65 19.52
N GLU C 196 17.78 -48.04 20.55
CA GLU C 196 18.55 -47.61 21.72
C GLU C 196 17.86 -48.06 23.02
N ASP C 197 18.33 -47.54 24.15
CA ASP C 197 17.77 -47.86 25.47
C ASP C 197 16.83 -46.78 26.02
N LYS C 198 17.09 -45.52 25.67
CA LYS C 198 16.23 -44.42 26.10
C LYS C 198 15.04 -44.28 25.14
N VAL C 199 13.92 -43.76 25.66
CA VAL C 199 12.67 -43.70 24.90
C VAL C 199 12.01 -42.32 24.85
N THR C 200 12.31 -41.55 23.80
CA THR C 200 11.70 -40.24 23.59
C THR C 200 10.25 -40.39 23.10
N LEU C 201 9.35 -39.60 23.69
CA LEU C 201 7.91 -39.68 23.41
C LEU C 201 7.38 -38.41 22.75
N ARG C 202 6.69 -38.56 21.62
CA ARG C 202 6.24 -37.40 20.85
C ARG C 202 4.73 -37.34 20.64
N CYS C 203 4.18 -36.14 20.80
CA CYS C 203 2.74 -35.89 20.68
C CYS C 203 2.40 -35.10 19.42
N TRP C 204 1.46 -35.63 18.61
CA TRP C 204 1.16 -35.05 17.31
C TRP C 204 -0.26 -34.51 17.22
N ALA C 205 -0.40 -33.21 16.98
CA ALA C 205 -1.72 -32.61 16.74
C ALA C 205 -1.83 -32.11 15.31
N LEU C 206 -3.00 -32.28 14.70
CA LEU C 206 -3.24 -31.90 13.31
C LEU C 206 -4.70 -31.61 12.99
N GLY C 207 -4.94 -30.93 11.86
CA GLY C 207 -6.26 -30.64 11.37
C GLY C 207 -6.91 -29.39 11.94
N PHE C 208 -6.20 -28.73 12.86
CA PHE C 208 -6.83 -27.71 13.70
C PHE C 208 -6.78 -26.27 13.14
N TYR C 209 -7.76 -25.47 13.56
CA TYR C 209 -7.78 -24.04 13.25
C TYR C 209 -8.72 -23.32 14.23
N PRO C 210 -8.30 -22.17 14.74
CA PRO C 210 -7.04 -21.51 14.37
C PRO C 210 -5.80 -22.11 15.01
N ALA C 211 -4.64 -21.54 14.67
CA ALA C 211 -3.34 -22.05 15.08
C ALA C 211 -3.06 -21.94 16.58
N ASP C 212 -4.03 -21.41 17.31
CA ASP C 212 -3.91 -21.29 18.75
C ASP C 212 -4.14 -22.64 19.35
N ILE C 213 -3.08 -23.22 19.91
CA ILE C 213 -3.17 -24.53 20.49
C ILE C 213 -2.06 -24.62 21.50
N THR C 214 -2.23 -25.48 22.49
CA THR C 214 -1.13 -25.75 23.40
C THR C 214 -1.10 -27.22 23.80
N LEU C 215 0.09 -27.82 23.75
CA LEU C 215 0.30 -29.22 24.16
C LEU C 215 1.38 -29.32 25.22
N THR C 216 1.12 -30.16 26.23
CA THR C 216 2.05 -30.34 27.36
C THR C 216 2.24 -31.80 27.75
N TRP C 217 3.23 -32.02 28.61
CA TRP C 217 3.50 -33.32 29.21
C TRP C 217 3.63 -33.17 30.72
N GLN C 218 2.91 -34.00 31.47
CA GLN C 218 3.03 -34.03 32.93
C GLN C 218 3.39 -35.42 33.45
N LEU C 219 4.05 -35.47 34.61
CA LEU C 219 4.38 -36.74 35.26
C LEU C 219 3.21 -37.20 36.15
N ASN C 220 2.00 -37.13 35.60
CA ASN C 220 0.78 -37.42 36.34
C ASN C 220 0.63 -36.53 37.58
N GLY C 221 0.15 -35.30 37.36
CA GLY C 221 0.03 -34.33 38.44
C GLY C 221 0.97 -33.15 38.25
N GLU C 222 2.27 -33.40 38.42
CA GLU C 222 3.30 -32.37 38.25
C GLU C 222 3.65 -32.17 36.78
N GLU C 223 4.27 -31.04 36.45
CA GLU C 223 4.52 -30.68 35.06
C GLU C 223 5.95 -30.98 34.59
N LEU C 224 6.06 -31.63 33.44
CA LEU C 224 7.34 -31.99 32.87
C LEU C 224 7.76 -31.00 31.77
N ILE C 225 7.38 -29.73 31.97
CA ILE C 225 7.74 -28.67 31.04
C ILE C 225 9.12 -28.08 31.40
N GLN C 226 10.15 -28.88 31.14
CA GLN C 226 11.53 -28.49 31.45
C GLN C 226 12.46 -28.91 30.31
N ASP C 227 12.37 -30.18 29.93
CA ASP C 227 13.17 -30.71 28.82
C ASP C 227 12.27 -31.06 27.65
N MET C 228 11.05 -30.53 27.66
CA MET C 228 10.06 -30.79 26.61
C MET C 228 10.44 -30.16 25.27
N GLU C 229 10.36 -30.96 24.21
CA GLU C 229 10.75 -30.51 22.87
C GLU C 229 9.52 -30.31 21.97
N LEU C 230 9.38 -29.10 21.44
CA LEU C 230 8.26 -28.80 20.55
C LEU C 230 8.67 -27.82 19.47
N VAL C 231 8.14 -28.00 18.26
CA VAL C 231 8.45 -27.10 17.14
C VAL C 231 7.30 -26.15 16.83
N GLU C 232 7.66 -24.97 16.31
CA GLU C 232 6.66 -23.95 16.01
C GLU C 232 5.50 -24.49 15.18
N THR C 233 4.30 -24.00 15.48
CA THR C 233 3.11 -24.35 14.72
C THR C 233 3.34 -24.11 13.24
N ARG C 234 2.99 -25.10 12.42
CA ARG C 234 3.10 -25.00 10.96
C ARG C 234 1.72 -25.07 10.35
N PRO C 235 1.56 -24.49 9.17
CA PRO C 235 0.31 -24.61 8.41
C PRO C 235 0.36 -25.82 7.45
N ALA C 236 -0.77 -26.51 7.28
CA ALA C 236 -0.80 -27.74 6.50
C ALA C 236 -1.13 -27.48 5.03
N GLY C 237 -2.13 -26.63 4.78
CA GLY C 237 -2.48 -26.30 3.42
C GLY C 237 -3.93 -25.88 3.24
N ASP C 238 -4.85 -26.75 3.66
CA ASP C 238 -6.28 -26.56 3.39
C ASP C 238 -6.91 -25.42 4.19
N GLY C 239 -6.10 -24.76 5.03
CA GLY C 239 -6.60 -23.72 5.92
C GLY C 239 -6.64 -24.23 7.36
N THR C 240 -5.69 -25.10 7.68
CA THR C 240 -5.56 -25.68 9.01
C THR C 240 -4.10 -26.02 9.25
N PHE C 241 -3.74 -26.23 10.52
CA PHE C 241 -2.36 -26.23 10.96
C PHE C 241 -1.99 -27.51 11.72
N GLN C 242 -0.70 -27.67 12.02
CA GLN C 242 -0.23 -28.84 12.72
C GLN C 242 0.81 -28.47 13.80
N LYS C 243 0.97 -29.34 14.80
CA LYS C 243 2.03 -29.17 15.81
C LYS C 243 2.37 -30.46 16.56
N TRP C 244 3.60 -30.56 17.07
CA TRP C 244 4.00 -31.67 17.92
C TRP C 244 4.89 -31.26 19.09
N ALA C 245 4.76 -31.99 20.21
CA ALA C 245 5.64 -31.83 21.37
C ALA C 245 6.30 -33.16 21.74
N SER C 246 7.46 -33.10 22.39
CA SER C 246 8.22 -34.31 22.72
C SER C 246 9.08 -34.17 23.97
N VAL C 247 9.60 -35.29 24.47
CA VAL C 247 10.36 -35.30 25.71
C VAL C 247 10.97 -36.68 26.00
N VAL C 248 12.07 -36.71 26.75
CA VAL C 248 12.79 -37.95 27.05
C VAL C 248 12.33 -38.61 28.35
N VAL C 249 12.31 -39.93 28.36
CA VAL C 249 11.88 -40.70 29.54
C VAL C 249 12.62 -42.05 29.64
N PRO C 250 12.85 -42.52 30.87
CA PRO C 250 13.54 -43.80 31.09
C PRO C 250 12.76 -45.01 30.55
N LEU C 251 13.34 -45.73 29.59
CA LEU C 251 12.73 -46.93 29.01
C LEU C 251 12.12 -47.84 30.07
N GLY C 252 10.93 -48.36 29.80
CA GLY C 252 10.19 -49.15 30.77
C GLY C 252 9.05 -48.35 31.35
N LYS C 253 9.33 -47.08 31.66
CA LYS C 253 8.30 -46.11 32.01
C LYS C 253 7.84 -45.42 30.73
N GLU C 254 6.60 -45.68 30.34
CA GLU C 254 6.03 -45.11 29.11
C GLU C 254 4.58 -44.72 29.31
N GLN C 255 3.84 -45.52 30.07
CA GLN C 255 2.42 -45.28 30.31
C GLN C 255 2.17 -44.38 31.53
N TYR C 256 3.26 -43.96 32.18
CA TYR C 256 3.18 -43.00 33.26
C TYR C 256 3.38 -41.59 32.70
N TYR C 257 3.12 -41.45 31.40
CA TYR C 257 3.34 -40.18 30.71
C TYR C 257 2.14 -39.79 29.85
N THR C 258 1.61 -38.60 30.14
CA THR C 258 0.38 -38.13 29.52
C THR C 258 0.59 -36.85 28.71
N CYS C 259 -0.05 -36.81 27.54
CA CYS C 259 -0.03 -35.63 26.69
C CYS C 259 -1.32 -34.84 26.87
N HIS C 260 -1.22 -33.51 26.82
CA HIS C 260 -2.41 -32.68 26.90
C HIS C 260 -2.54 -31.76 25.69
N VAL C 261 -3.76 -31.67 25.18
CA VAL C 261 -4.06 -30.92 23.96
C VAL C 261 -5.19 -29.93 24.19
N TYR C 262 -4.87 -28.65 24.18
CA TYR C 262 -5.89 -27.63 24.38
C TYR C 262 -6.24 -26.88 23.09
N HIS C 263 -7.53 -26.64 22.88
CA HIS C 263 -7.98 -25.92 21.70
C HIS C 263 -9.43 -25.53 21.86
N GLN C 264 -9.77 -24.30 21.50
CA GLN C 264 -11.12 -23.78 21.67
C GLN C 264 -12.17 -24.57 20.89
N GLY C 265 -11.74 -25.36 19.91
CA GLY C 265 -12.66 -26.19 19.16
C GLY C 265 -13.21 -27.36 19.98
N LEU C 266 -12.38 -27.83 20.90
CA LEU C 266 -12.71 -28.96 21.75
C LEU C 266 -13.71 -28.58 22.83
N PRO C 267 -14.58 -29.53 23.19
CA PRO C 267 -15.48 -29.36 24.35
C PRO C 267 -14.80 -29.79 25.65
N GLU C 268 -13.70 -30.54 25.55
CA GLU C 268 -12.80 -30.80 26.67
C GLU C 268 -11.40 -31.04 26.13
N PRO C 269 -10.36 -30.73 26.90
CA PRO C 269 -9.00 -30.98 26.45
C PRO C 269 -8.83 -32.44 26.14
N LEU C 270 -7.82 -32.78 25.35
CA LEU C 270 -7.59 -34.17 24.97
C LEU C 270 -6.42 -34.73 25.77
N THR C 271 -6.51 -36.02 26.07
CA THR C 271 -5.45 -36.72 26.80
C THR C 271 -5.14 -38.03 26.11
N LEU C 272 -3.86 -38.39 26.04
CA LEU C 272 -3.48 -39.66 25.44
C LEU C 272 -2.09 -40.14 25.86
N ARG C 273 -1.92 -41.46 25.81
CA ARG C 273 -0.63 -42.12 26.01
C ARG C 273 -0.38 -43.04 24.80
N TRP C 274 0.71 -43.81 24.84
CA TRP C 274 1.09 -44.67 23.70
C TRP C 274 -0.05 -45.53 23.17
N GLU C 275 -0.12 -45.69 21.84
CA GLU C 275 -1.10 -46.58 21.22
C GLU C 275 -0.43 -47.61 20.33
N ARG D 1 -11.42 -0.55 3.14
CA ARG D 1 -10.53 -0.32 1.97
C ARG D 1 -9.18 0.21 2.44
N GLY D 2 -8.16 0.04 1.61
CA GLY D 2 -6.84 0.57 1.92
C GLY D 2 -6.75 2.08 2.00
N TYR D 3 -5.53 2.60 1.92
CA TYR D 3 -5.28 4.02 2.16
C TYR D 3 -4.45 4.53 1.00
N VAL D 4 -4.47 5.85 0.82
CA VAL D 4 -3.58 6.42 -0.17
C VAL D 4 -2.41 7.01 0.58
N TYR D 5 -1.25 6.39 0.36
CA TYR D 5 -0.02 6.68 1.10
C TYR D 5 0.65 7.97 0.64
N GLN D 6 0.95 8.82 1.61
CA GLN D 6 1.78 9.98 1.38
C GLN D 6 3.19 9.51 1.00
N GLY D 7 3.98 10.37 0.36
CA GLY D 7 5.36 10.02 0.07
C GLY D 7 6.29 10.30 1.24
N LEU D 8 7.39 9.55 1.33
CA LEU D 8 8.36 9.70 2.40
C LEU D 8 9.27 10.91 2.15
N MET E 1 18.19 -1.74 8.74
CA MET E 1 19.25 -2.48 8.01
C MET E 1 19.76 -3.65 8.86
N ILE E 2 19.01 -4.74 8.86
CA ILE E 2 19.37 -5.96 9.58
C ILE E 2 18.96 -7.22 8.77
N GLN E 3 19.69 -8.32 8.93
CA GLN E 3 19.45 -9.55 8.16
C GLN E 3 19.01 -10.72 9.02
N LYS E 4 17.73 -11.08 8.96
CA LYS E 4 17.25 -12.20 9.75
C LYS E 4 17.41 -13.50 8.96
N THR E 5 17.86 -14.56 9.65
CA THR E 5 18.19 -15.84 9.01
C THR E 5 17.03 -16.83 9.00
N PRO E 6 16.74 -17.39 7.83
CA PRO E 6 15.52 -18.18 7.64
C PRO E 6 15.43 -19.40 8.54
N GLN E 7 14.22 -19.74 8.95
CA GLN E 7 13.97 -20.94 9.75
C GLN E 7 13.11 -21.86 8.93
N ILE E 8 13.68 -22.99 8.56
CA ILE E 8 13.04 -23.89 7.61
C ILE E 8 12.37 -25.03 8.34
N GLN E 9 11.12 -25.30 7.98
CA GLN E 9 10.37 -26.36 8.62
C GLN E 9 9.94 -27.40 7.61
N VAL E 10 10.82 -28.39 7.41
CA VAL E 10 10.52 -29.54 6.56
C VAL E 10 9.43 -30.39 7.20
N TYR E 11 8.46 -30.80 6.40
CA TYR E 11 7.35 -31.57 6.96
C TYR E 11 6.32 -31.97 5.92
N SER E 12 5.71 -33.13 6.15
CA SER E 12 4.67 -33.66 5.28
C SER E 12 3.31 -33.14 5.69
N ARG E 13 2.38 -33.11 4.76
CA ARG E 13 1.01 -32.72 5.08
C ARG E 13 0.33 -33.76 5.98
N HIS E 14 0.52 -35.05 5.65
CA HIS E 14 -0.11 -36.14 6.40
C HIS E 14 0.93 -37.13 6.95
N PRO E 15 0.51 -38.04 7.83
CA PRO E 15 1.35 -39.17 8.26
C PRO E 15 1.79 -40.07 7.09
N PRO E 16 2.86 -40.85 7.31
CA PRO E 16 3.49 -41.66 6.26
C PRO E 16 2.62 -42.78 5.63
N GLU E 17 2.69 -42.90 4.30
CA GLU E 17 1.99 -43.92 3.51
C GLU E 17 2.06 -43.62 2.01
N ASN E 18 2.85 -44.39 1.27
CA ASN E 18 3.00 -44.18 -0.17
C ASN E 18 1.70 -44.39 -0.96
N GLY E 19 1.44 -43.52 -1.93
CA GLY E 19 0.37 -43.77 -2.88
C GLY E 19 -0.60 -42.64 -3.19
N LYS E 20 -0.90 -41.81 -2.19
CA LYS E 20 -1.98 -40.82 -2.31
C LYS E 20 -1.56 -39.52 -2.99
N PRO E 21 -2.27 -39.15 -4.06
CA PRO E 21 -2.03 -37.88 -4.76
C PRO E 21 -2.64 -36.68 -4.03
N ASN E 22 -1.79 -35.78 -3.53
CA ASN E 22 -2.27 -34.62 -2.78
C ASN E 22 -1.46 -33.33 -2.98
N ILE E 23 -1.02 -32.73 -1.86
CA ILE E 23 -0.25 -31.48 -1.85
C ILE E 23 0.90 -31.60 -0.83
N LEU E 24 2.13 -31.27 -1.24
CA LEU E 24 3.30 -31.30 -0.34
C LEU E 24 3.74 -29.89 0.11
N ASN E 25 4.10 -29.74 1.38
CA ASN E 25 4.32 -28.41 1.99
C ASN E 25 5.69 -28.14 2.63
N CYS E 26 6.18 -26.91 2.43
CA CYS E 26 7.38 -26.40 3.10
C CYS E 26 7.15 -25.00 3.73
N TYR E 27 7.90 -24.69 4.80
CA TYR E 27 7.62 -23.52 5.62
C TYR E 27 8.88 -22.74 6.01
N VAL E 28 9.09 -21.61 5.34
CA VAL E 28 10.21 -20.73 5.67
C VAL E 28 9.70 -19.47 6.37
N THR E 29 10.32 -19.15 7.51
CA THR E 29 9.88 -18.02 8.31
C THR E 29 11.07 -17.25 8.81
N GLN E 30 10.81 -16.02 9.25
CA GLN E 30 11.78 -15.18 9.96
C GLN E 30 12.93 -14.70 9.12
N PHE E 31 12.69 -14.35 7.86
CA PHE E 31 13.80 -13.84 7.07
C PHE E 31 13.59 -12.40 6.57
N HIS E 32 14.69 -11.82 6.07
CA HIS E 32 14.73 -10.47 5.55
C HIS E 32 16.12 -10.33 4.93
N PRO E 33 16.24 -9.87 3.70
CA PRO E 33 15.14 -9.32 2.89
C PRO E 33 14.21 -10.39 2.38
N PRO E 34 13.12 -9.99 1.75
CA PRO E 34 12.19 -10.96 1.18
C PRO E 34 12.72 -11.76 -0.02
N HIS E 35 13.92 -11.45 -0.54
CA HIS E 35 14.45 -12.24 -1.65
C HIS E 35 15.04 -13.59 -1.23
N ILE E 36 14.29 -14.66 -1.47
CA ILE E 36 14.76 -16.00 -1.10
C ILE E 36 14.70 -17.04 -2.25
N GLU E 37 15.78 -17.80 -2.37
CA GLU E 37 15.89 -18.89 -3.32
C GLU E 37 15.34 -20.18 -2.73
N ILE E 38 14.10 -20.51 -3.08
CA ILE E 38 13.51 -21.75 -2.59
C ILE E 38 12.64 -22.44 -3.64
N GLN E 39 13.00 -23.67 -3.99
CA GLN E 39 12.19 -24.50 -4.88
C GLN E 39 12.18 -25.98 -4.48
N MET E 40 11.15 -26.70 -4.91
CA MET E 40 10.95 -28.08 -4.47
C MET E 40 11.77 -29.10 -5.28
N LEU E 41 12.54 -29.94 -4.56
CA LEU E 41 13.43 -30.93 -5.17
C LEU E 41 12.71 -32.23 -5.57
N LYS E 42 13.38 -33.35 -5.32
CA LYS E 42 12.91 -34.68 -5.71
C LYS E 42 14.10 -35.65 -5.81
N ASN E 43 14.47 -36.29 -4.71
CA ASN E 43 15.66 -37.15 -4.64
C ASN E 43 16.93 -36.29 -4.57
N GLY E 44 16.92 -35.21 -5.35
CA GLY E 44 18.01 -34.25 -5.41
C GLY E 44 17.95 -33.32 -6.62
N LYS E 45 16.79 -33.21 -7.25
CA LYS E 45 16.66 -32.44 -8.49
C LYS E 45 15.63 -31.29 -8.49
N LYS E 46 14.55 -31.47 -9.24
CA LYS E 46 13.62 -30.37 -9.54
C LYS E 46 12.17 -30.77 -9.38
N ILE E 47 11.27 -29.84 -9.73
CA ILE E 47 9.83 -30.09 -9.83
C ILE E 47 9.21 -29.03 -10.73
N PRO E 48 8.27 -29.44 -11.58
CA PRO E 48 7.65 -28.52 -12.54
C PRO E 48 6.89 -27.37 -11.88
N LYS E 49 6.02 -27.71 -10.92
CA LYS E 49 5.15 -26.70 -10.29
C LYS E 49 5.46 -26.46 -8.81
N VAL E 50 6.66 -25.97 -8.51
CA VAL E 50 7.02 -25.52 -7.16
C VAL E 50 6.10 -24.37 -6.80
N GLU E 51 4.94 -24.68 -6.22
CA GLU E 51 3.86 -23.71 -6.06
C GLU E 51 4.09 -22.69 -4.93
N MET E 52 5.34 -22.52 -4.52
CA MET E 52 5.70 -21.54 -3.49
C MET E 52 4.58 -20.55 -3.22
N SER E 53 4.03 -20.59 -2.01
CA SER E 53 2.89 -19.74 -1.65
C SER E 53 3.19 -18.26 -1.83
N ASP E 54 2.14 -17.45 -1.76
CA ASP E 54 2.30 -16.00 -1.80
C ASP E 54 2.93 -15.50 -0.49
N MET E 55 3.92 -14.64 -0.62
CA MET E 55 4.65 -14.13 0.52
C MET E 55 3.80 -13.34 1.51
N SER E 56 4.39 -13.06 2.66
CA SER E 56 3.72 -12.37 3.76
C SER E 56 4.76 -11.90 4.77
N PHE E 57 4.41 -10.91 5.58
CA PHE E 57 5.31 -10.51 6.64
C PHE E 57 4.58 -10.30 7.94
N SER E 58 5.34 -10.36 9.03
CA SER E 58 4.77 -10.22 10.36
C SER E 58 4.92 -8.83 10.99
N LYS E 59 4.15 -8.62 12.05
CA LYS E 59 4.23 -7.47 12.96
C LYS E 59 5.64 -6.97 13.18
N ASP E 60 6.61 -7.87 13.06
CA ASP E 60 8.01 -7.52 13.30
C ASP E 60 8.84 -7.43 12.00
N TRP E 61 8.17 -7.38 10.86
CA TRP E 61 8.82 -7.08 9.59
C TRP E 61 9.48 -8.26 8.92
N SER E 62 9.44 -9.42 9.56
CA SER E 62 10.12 -10.57 8.99
C SER E 62 9.14 -11.28 8.09
N PHE E 63 9.68 -11.90 7.04
CA PHE E 63 8.88 -12.46 5.96
C PHE E 63 8.66 -13.93 6.14
N TYR E 64 7.51 -14.41 5.71
CA TYR E 64 7.31 -15.85 5.66
C TYR E 64 6.60 -16.32 4.39
N ILE E 65 6.93 -17.55 4.00
CA ILE E 65 6.43 -18.14 2.76
C ILE E 65 6.23 -19.64 2.93
N LEU E 66 5.20 -20.16 2.25
CA LEU E 66 4.88 -21.60 2.29
C LEU E 66 5.18 -22.30 0.95
N ALA E 67 6.32 -22.96 0.88
CA ALA E 67 6.72 -23.68 -0.34
C ALA E 67 5.92 -24.99 -0.52
N HIS E 68 4.90 -24.95 -1.38
CA HIS E 68 4.03 -26.11 -1.59
C HIS E 68 3.90 -26.53 -3.07
N THR E 69 3.14 -27.59 -3.33
CA THR E 69 2.98 -28.15 -4.68
C THR E 69 1.92 -29.27 -4.70
N GLU E 70 2.12 -30.26 -5.59
CA GLU E 70 1.35 -31.50 -5.57
C GLU E 70 2.29 -32.68 -5.80
N PHE E 71 2.12 -33.75 -5.02
CA PHE E 71 3.01 -34.91 -5.13
C PHE E 71 2.27 -36.21 -4.82
N THR E 72 3.03 -37.32 -4.80
CA THR E 72 2.48 -38.63 -4.46
C THR E 72 3.49 -39.38 -3.58
N PRO E 73 3.16 -39.50 -2.29
CA PRO E 73 4.09 -40.00 -1.26
C PRO E 73 5.03 -41.11 -1.72
N THR E 74 6.28 -41.07 -1.26
CA THR E 74 7.27 -42.11 -1.61
C THR E 74 8.00 -42.71 -0.38
N GLU E 75 9.03 -43.51 -0.65
CA GLU E 75 9.70 -44.32 0.38
C GLU E 75 11.08 -43.79 0.82
N THR E 76 12.12 -44.62 0.63
CA THR E 76 13.49 -44.28 1.03
C THR E 76 14.26 -43.48 -0.04
N ASP E 77 13.52 -42.89 -0.97
CA ASP E 77 14.08 -41.89 -1.88
C ASP E 77 13.62 -40.49 -1.41
N THR E 78 14.08 -40.13 -0.21
CA THR E 78 13.60 -38.95 0.53
C THR E 78 13.72 -37.59 -0.21
N TYR E 79 13.02 -36.58 0.30
CA TYR E 79 12.98 -35.26 -0.32
C TYR E 79 13.50 -34.14 0.59
N ALA E 80 13.56 -32.90 0.08
CA ALA E 80 14.08 -31.77 0.86
C ALA E 80 13.55 -30.40 0.42
N CYS E 81 13.98 -29.36 1.14
CA CYS E 81 13.64 -27.98 0.82
C CYS E 81 14.88 -27.28 0.30
N ARG E 82 14.84 -26.81 -0.94
CA ARG E 82 15.96 -26.10 -1.54
C ARG E 82 15.95 -24.62 -1.13
N VAL E 83 16.80 -24.25 -0.16
CA VAL E 83 16.78 -22.89 0.41
C VAL E 83 18.11 -22.13 0.41
N LYS E 84 18.09 -20.95 -0.19
CA LYS E 84 19.23 -20.04 -0.20
C LYS E 84 18.74 -18.62 0.06
N HIS E 85 19.56 -17.81 0.74
CA HIS E 85 19.14 -16.49 1.16
C HIS E 85 20.35 -15.65 1.56
N ASP E 86 20.33 -14.37 1.18
CA ASP E 86 21.46 -13.48 1.43
C ASP E 86 21.91 -13.36 2.88
N SER E 87 21.17 -13.97 3.80
CA SER E 87 21.47 -13.84 5.23
C SER E 87 22.72 -14.60 5.66
N MET E 88 22.98 -15.73 5.01
CA MET E 88 24.14 -16.56 5.34
C MET E 88 25.12 -16.70 4.17
N ALA E 89 26.41 -16.81 4.49
CA ALA E 89 27.46 -16.92 3.48
C ALA E 89 27.39 -18.25 2.71
N GLU E 90 26.77 -19.26 3.32
CA GLU E 90 26.57 -20.55 2.67
C GLU E 90 25.08 -20.89 2.61
N PRO E 91 24.66 -21.59 1.56
CA PRO E 91 23.27 -22.07 1.46
C PRO E 91 23.00 -23.21 2.44
N LYS E 92 21.76 -23.63 2.58
CA LYS E 92 21.41 -24.71 3.50
C LYS E 92 20.13 -25.44 3.13
N THR E 93 19.91 -26.58 3.77
CA THR E 93 18.71 -27.40 3.54
C THR E 93 18.65 -28.56 4.53
N VAL E 94 17.44 -28.90 4.97
CA VAL E 94 17.19 -30.09 5.79
C VAL E 94 16.22 -31.02 5.06
N TYR E 95 16.20 -32.31 5.43
CA TYR E 95 15.54 -33.32 4.60
C TYR E 95 14.17 -33.78 5.09
N TRP E 96 13.26 -34.01 4.12
CA TRP E 96 11.87 -34.38 4.37
C TRP E 96 11.71 -35.45 5.44
N ASP E 97 10.46 -35.82 5.69
CA ASP E 97 10.19 -36.88 6.64
C ASP E 97 8.84 -37.50 6.40
N ARG E 98 8.76 -38.80 6.64
CA ARG E 98 7.51 -39.55 6.60
C ARG E 98 6.66 -39.22 7.81
N ASP E 99 7.32 -39.11 8.96
CA ASP E 99 6.66 -38.95 10.25
C ASP E 99 6.41 -37.48 10.65
N MET E 100 7.39 -36.62 10.42
CA MET E 100 7.28 -35.21 10.82
C MET E 100 6.55 -34.35 9.78
#